data_5WAX
#
_entry.id   5WAX
#
_cell.length_a   75.420
_cell.length_b   214.630
_cell.length_c   93.801
_cell.angle_alpha   90.00
_cell.angle_beta   90.00
_cell.angle_gamma   90.00
#
_symmetry.space_group_name_H-M   'C 2 2 21'
#
loop_
_entity.id
_entity.type
_entity.pdbx_description
1 polymer 'SAPK10 (serine/threonine-protein kinase 10)'
2 non-polymer GLYCEROL
3 water water
#
_entity_poly.entity_id   1
_entity_poly.type   'polypeptide(L)'
_entity_poly.pdbx_seq_one_letter_code
;SMDMPIMHDGDRYELVRDIGSGNFGVARLMRNRADGQLVAVKYIERGEKIDENVQREIINHRSLRHPNIIRFKEVILTPT
HLAIVMEYASGGELFERICNAGRFSEDEARFFFQQLISGVSYCHSMQVCHRDLKLENTLLDGSTAPRLKICDFGYSKSSV
LHSQPKSTVGTPAYIAPEVLLKKEYDGKVADVWSCGVTLYVMLVGAYPFEDPDEPKNFRKTIQRILGVQYSIPDYVHISP
ECQDLISRIFVANPATRITIPEIRNHPWFLKNLPADLMDDSTMSKQYEEPEQPMQSMDEIMQILAEATIP
;
_entity_poly.pdbx_strand_id   A,B
#
# COMPACT_ATOMS: atom_id res chain seq x y z
N ASP A 3 12.07 21.22 -10.67
CA ASP A 3 12.44 20.65 -11.99
C ASP A 3 13.37 19.43 -11.83
N MET A 4 13.36 18.58 -12.86
CA MET A 4 14.28 17.46 -13.04
C MET A 4 14.73 17.59 -14.48
N PRO A 5 15.99 17.27 -14.82
CA PRO A 5 16.38 17.36 -16.22
C PRO A 5 15.67 16.30 -17.03
N ILE A 6 15.82 16.39 -18.33
CA ILE A 6 15.34 15.36 -19.23
C ILE A 6 16.04 14.04 -18.95
N MET A 7 15.43 12.97 -19.45
CA MET A 7 15.94 11.63 -19.26
C MET A 7 17.30 11.48 -19.92
N HIS A 8 18.13 10.63 -19.31
CA HIS A 8 19.53 10.48 -19.70
C HIS A 8 19.95 9.05 -19.43
N ASP A 9 21.09 8.69 -19.98
CA ASP A 9 21.65 7.35 -19.81
C ASP A 9 20.62 6.23 -20.11
N GLY A 10 19.82 6.46 -21.15
CA GLY A 10 18.82 5.52 -21.63
C GLY A 10 19.39 4.17 -22.02
N ASP A 11 20.67 4.15 -22.35
CA ASP A 11 21.35 2.89 -22.66
C ASP A 11 21.48 1.97 -21.47
N ARG A 12 21.55 2.54 -20.27
CA ARG A 12 21.65 1.75 -19.05
C ARG A 12 20.32 1.69 -18.24
N TYR A 13 19.47 2.71 -18.37
CA TYR A 13 18.28 2.81 -17.56
C TYR A 13 17.01 3.04 -18.40
N GLU A 14 15.91 2.41 -17.99
CA GLU A 14 14.57 2.75 -18.52
C GLU A 14 13.88 3.71 -17.57
N LEU A 15 13.26 4.77 -18.09
CA LEU A 15 12.41 5.64 -17.27
C LEU A 15 11.09 4.90 -16.92
N VAL A 16 10.82 4.71 -15.62
CA VAL A 16 9.59 4.08 -15.12
C VAL A 16 8.56 5.18 -14.96
N ARG A 17 8.82 6.11 -14.07
CA ARG A 17 7.91 7.22 -13.84
C ARG A 17 8.62 8.30 -13.00
N ASP A 18 8.35 9.57 -13.26
CA ASP A 18 8.69 10.66 -12.33
C ASP A 18 7.67 10.74 -11.20
N ILE A 19 8.18 10.74 -9.96
CA ILE A 19 7.35 10.88 -8.75
C ILE A 19 7.61 12.20 -7.98
N GLY A 20 6.65 12.61 -7.15
CA GLY A 20 6.71 13.89 -6.44
C GLY A 20 6.48 13.86 -4.94
N SER A 21 6.52 12.69 -4.32
CA SER A 21 6.25 12.59 -2.90
C SER A 21 6.73 11.25 -2.34
N GLY A 22 6.63 11.13 -1.02
CA GLY A 22 7.08 9.96 -0.31
C GLY A 22 8.50 10.18 0.19
N ASN A 23 9.15 9.09 0.57
CA ASN A 23 10.47 9.17 1.22
C ASN A 23 11.57 9.67 0.26
N PHE A 24 11.35 9.54 -1.06
CA PHE A 24 12.34 10.02 -2.01
C PHE A 24 12.07 11.44 -2.46
N GLY A 25 10.97 12.05 -2.02
CA GLY A 25 10.57 13.37 -2.50
C GLY A 25 10.41 13.39 -4.02
N VAL A 26 10.85 14.49 -4.64
CA VAL A 26 10.83 14.61 -6.09
C VAL A 26 11.93 13.70 -6.61
N ALA A 27 11.55 12.63 -7.29
CA ALA A 27 12.52 11.67 -7.76
C ALA A 27 12.11 11.04 -9.05
N ARG A 28 13.06 10.45 -9.73
CA ARG A 28 12.80 9.73 -10.94
C ARG A 28 13.02 8.27 -10.70
N LEU A 29 11.99 7.46 -10.95
CA LEU A 29 12.12 6.01 -10.83
C LEU A 29 12.60 5.46 -12.14
N MET A 30 13.59 4.56 -12.09
CA MET A 30 14.19 3.99 -13.25
C MET A 30 14.36 2.53 -13.04
N ARG A 31 14.45 1.80 -14.14
CA ARG A 31 14.78 0.37 -14.07
C ARG A 31 16.12 0.22 -14.74
N ASN A 32 17.03 -0.44 -14.05
CA ASN A 32 18.33 -0.75 -14.59
C ASN A 32 18.14 -1.86 -15.62
N ARG A 33 18.56 -1.62 -16.86
CA ARG A 33 18.37 -2.58 -17.96
C ARG A 33 19.19 -3.85 -17.80
N ALA A 34 20.38 -3.73 -17.20
CA ALA A 34 21.26 -4.89 -16.98
C ALA A 34 20.64 -5.88 -15.98
N ASP A 35 20.37 -5.43 -14.74
CA ASP A 35 19.86 -6.32 -13.67
C ASP A 35 18.36 -6.24 -13.36
N GLY A 36 17.64 -5.33 -14.00
CA GLY A 36 16.19 -5.21 -13.79
C GLY A 36 15.76 -4.50 -12.51
N GLN A 37 16.71 -3.98 -11.73
CA GLN A 37 16.43 -3.44 -10.40
C GLN A 37 15.85 -2.03 -10.56
N LEU A 38 14.92 -1.68 -9.68
CA LEU A 38 14.35 -0.32 -9.64
C LEU A 38 15.25 0.56 -8.85
N VAL A 39 15.42 1.80 -9.30
CA VAL A 39 16.25 2.79 -8.61
C VAL A 39 15.47 4.08 -8.55
N ALA A 40 15.76 4.88 -7.54
CA ALA A 40 15.24 6.22 -7.40
C ALA A 40 16.42 7.15 -7.65
N VAL A 41 16.18 8.20 -8.42
CA VAL A 41 17.19 9.13 -8.79
C VAL A 41 16.79 10.52 -8.27
N LYS A 42 17.66 11.13 -7.47
CA LYS A 42 17.50 12.52 -6.98
C LYS A 42 18.49 13.41 -7.72
N TYR A 43 18.08 14.63 -7.99
CA TYR A 43 18.83 15.55 -8.84
C TYR A 43 19.14 16.80 -8.04
N ILE A 44 20.39 17.28 -8.20
CA ILE A 44 20.80 18.55 -7.62
C ILE A 44 21.39 19.37 -8.77
N GLU A 45 20.97 20.63 -8.85
CA GLU A 45 21.46 21.53 -9.89
C GLU A 45 22.98 21.71 -9.75
N ARG A 46 23.66 21.67 -10.88
CA ARG A 46 25.09 21.93 -10.93
C ARG A 46 25.41 23.36 -10.52
N GLY A 47 26.55 23.55 -9.84
CA GLY A 47 26.92 24.89 -9.33
C GLY A 47 27.00 24.90 -7.83
N GLU A 48 26.60 26.04 -7.25
CA GLU A 48 26.84 26.33 -5.84
C GLU A 48 26.19 25.34 -4.87
N LYS A 49 25.10 24.70 -5.29
CA LYS A 49 24.41 23.70 -4.45
C LYS A 49 25.28 22.44 -4.23
N ILE A 50 26.24 22.17 -5.12
CA ILE A 50 27.14 21.02 -4.94
C ILE A 50 28.27 21.45 -4.00
N ASP A 51 28.09 21.21 -2.70
CA ASP A 51 29.00 21.74 -1.68
C ASP A 51 29.52 20.61 -0.79
N GLU A 52 30.26 20.96 0.26
CA GLU A 52 30.79 19.97 1.18
C GLU A 52 29.74 19.11 1.89
N ASN A 53 28.54 19.65 2.10
CA ASN A 53 27.41 18.86 2.69
C ASN A 53 26.98 17.74 1.76
N VAL A 54 26.82 18.08 0.48
CA VAL A 54 26.46 17.10 -0.52
C VAL A 54 27.53 16.01 -0.55
N GLN A 55 28.80 16.41 -0.58
CA GLN A 55 29.89 15.45 -0.61
C GLN A 55 29.86 14.51 0.59
N ARG A 56 29.69 15.05 1.80
CA ARG A 56 29.62 14.21 2.99
C ARG A 56 28.42 13.28 2.99
N GLU A 57 27.25 13.82 2.64
CA GLU A 57 26.01 13.00 2.54
C GLU A 57 26.21 11.82 1.57
N ILE A 58 26.77 12.09 0.40
CA ILE A 58 27.05 11.05 -0.60
C ILE A 58 28.01 10.02 -0.05
N ILE A 59 29.14 10.45 0.55
CA ILE A 59 30.15 9.53 1.07
C ILE A 59 29.56 8.69 2.19
N ASN A 60 28.79 9.32 3.07
CA ASN A 60 28.12 8.63 4.17
C ASN A 60 27.19 7.55 3.61
N HIS A 61 26.33 7.96 2.69
CA HIS A 61 25.39 7.11 2.03
C HIS A 61 26.11 5.92 1.46
N ARG A 62 27.12 6.15 0.63
CA ARG A 62 27.91 5.12 -0.04
C ARG A 62 28.51 4.10 0.90
N SER A 63 28.87 4.53 2.11
CA SER A 63 29.49 3.61 3.07
C SER A 63 28.52 2.58 3.66
N LEU A 64 27.20 2.84 3.57
CA LEU A 64 26.18 1.95 4.18
C LEU A 64 25.94 0.73 3.31
N ARG A 65 26.44 -0.40 3.77
CA ARG A 65 26.31 -1.66 3.05
C ARG A 65 25.61 -2.62 4.00
N HIS A 66 24.28 -2.62 3.98
CA HIS A 66 23.50 -3.50 4.84
C HIS A 66 22.14 -3.68 4.15
N PRO A 67 21.62 -4.92 4.12
CA PRO A 67 20.38 -5.16 3.37
C PRO A 67 19.12 -4.35 3.77
N ASN A 68 19.06 -3.86 5.00
CA ASN A 68 17.89 -3.13 5.49
C ASN A 68 18.01 -1.63 5.43
N ILE A 69 19.00 -1.14 4.67
CA ILE A 69 19.21 0.27 4.45
C ILE A 69 19.05 0.49 2.96
N ILE A 70 18.44 1.59 2.59
CA ILE A 70 18.41 2.02 1.18
C ILE A 70 19.85 2.31 0.72
N ARG A 71 20.35 1.49 -0.20
CA ARG A 71 21.74 1.56 -0.63
C ARG A 71 21.96 2.52 -1.80
N PHE A 72 23.07 3.25 -1.73
CA PHE A 72 23.59 4.10 -2.79
C PHE A 72 24.05 3.24 -3.94
N LYS A 73 23.78 3.67 -5.16
CA LYS A 73 24.25 2.96 -6.34
C LYS A 73 25.37 3.73 -7.04
N GLU A 74 25.11 4.96 -7.47
CA GLU A 74 26.09 5.73 -8.24
C GLU A 74 25.69 7.18 -8.33
N VAL A 75 26.66 8.02 -8.67
CA VAL A 75 26.39 9.38 -9.10
C VAL A 75 26.64 9.44 -10.59
N ILE A 76 25.86 10.24 -11.28
CA ILE A 76 26.03 10.45 -12.70
C ILE A 76 25.99 11.94 -12.93
N LEU A 77 26.90 12.42 -13.77
CA LEU A 77 26.92 13.81 -14.16
C LEU A 77 26.05 13.97 -15.40
N THR A 78 25.14 14.94 -15.38
CA THR A 78 24.38 15.31 -16.57
C THR A 78 24.79 16.73 -16.93
N PRO A 79 24.39 17.24 -18.13
CA PRO A 79 24.78 18.61 -18.44
C PRO A 79 24.28 19.67 -17.42
N THR A 80 23.15 19.44 -16.75
CA THR A 80 22.56 20.43 -15.87
C THR A 80 22.49 20.03 -14.40
N HIS A 81 22.62 18.74 -14.09
CA HIS A 81 22.42 18.26 -12.73
C HIS A 81 23.37 17.13 -12.39
N LEU A 82 23.64 17.02 -11.10
CA LEU A 82 24.20 15.82 -10.50
C LEU A 82 23.01 14.87 -10.29
N ALA A 83 23.13 13.62 -10.74
CA ALA A 83 22.12 12.60 -10.51
C ALA A 83 22.67 11.66 -9.44
N ILE A 84 21.87 11.42 -8.41
CA ILE A 84 22.19 10.52 -7.31
C ILE A 84 21.21 9.36 -7.42
N VAL A 85 21.77 8.19 -7.78
CA VAL A 85 21.04 6.98 -8.00
C VAL A 85 21.15 6.07 -6.76
N MET A 86 20.01 5.66 -6.24
CA MET A 86 19.96 4.76 -5.10
C MET A 86 18.87 3.73 -5.28
N GLU A 87 18.93 2.72 -4.45
CA GLU A 87 17.93 1.68 -4.43
C GLU A 87 16.52 2.25 -4.14
N TYR A 88 15.54 1.76 -4.87
CA TYR A 88 14.12 2.07 -4.63
C TYR A 88 13.45 0.88 -3.97
N ALA A 89 12.63 1.14 -2.96
CA ALA A 89 11.83 0.09 -2.32
C ALA A 89 10.46 0.12 -2.96
N SER A 90 10.05 -0.97 -3.59
CA SER A 90 8.81 -1.01 -4.38
C SER A 90 7.60 -1.61 -3.71
N GLY A 91 7.70 -1.99 -2.43
CA GLY A 91 6.59 -2.58 -1.70
C GLY A 91 5.83 -1.63 -0.78
N GLY A 92 5.93 -0.34 -1.00
CA GLY A 92 5.23 0.63 -0.17
C GLY A 92 5.82 0.75 1.23
N GLU A 93 5.15 1.54 2.03
CA GLU A 93 5.44 1.74 3.42
C GLU A 93 5.04 0.57 4.29
N LEU A 94 5.86 0.31 5.32
CA LEU A 94 5.51 -0.65 6.39
C LEU A 94 4.13 -0.36 6.95
N PHE A 95 3.87 0.92 7.26
CA PHE A 95 2.62 1.34 7.83
C PHE A 95 1.41 0.93 7.00
N GLU A 96 1.50 1.05 5.68
CA GLU A 96 0.39 0.64 4.80
C GLU A 96 0.16 -0.86 4.83
N ARG A 97 1.23 -1.62 4.94
CA ARG A 97 1.07 -3.07 5.09
C ARG A 97 0.37 -3.43 6.42
N ILE A 98 0.67 -2.68 7.49
CA ILE A 98 0.00 -2.89 8.77
C ILE A 98 -1.50 -2.57 8.61
N CYS A 99 -1.82 -1.40 8.03
CA CYS A 99 -3.21 -1.03 7.80
C CYS A 99 -3.99 -2.06 6.99
N ASN A 100 -3.39 -2.57 5.93
CA ASN A 100 -4.01 -3.62 5.14
C ASN A 100 -4.34 -4.86 5.96
N ALA A 101 -3.42 -5.29 6.81
CA ALA A 101 -3.60 -6.45 7.66
C ALA A 101 -4.51 -6.25 8.85
N GLY A 102 -4.80 -5.00 9.22
CA GLY A 102 -5.42 -4.72 10.49
C GLY A 102 -4.36 -4.61 11.58
N ARG A 103 -3.78 -5.74 11.93
CA ARG A 103 -2.61 -5.81 12.75
C ARG A 103 -1.88 -7.08 12.35
N PHE A 104 -0.59 -7.12 12.66
CA PHE A 104 0.22 -8.27 12.41
C PHE A 104 0.13 -9.22 13.59
N SER A 105 0.34 -10.49 13.29
CA SER A 105 0.58 -11.45 14.31
C SER A 105 1.92 -11.15 14.95
N GLU A 106 2.12 -11.80 16.08
CA GLU A 106 3.36 -11.67 16.79
C GLU A 106 4.53 -12.08 15.95
N ASP A 107 4.39 -13.22 15.24
CA ASP A 107 5.45 -13.71 14.39
C ASP A 107 5.75 -12.77 13.21
N GLU A 108 4.72 -12.21 12.59
CA GLU A 108 4.94 -11.26 11.50
C GLU A 108 5.61 -9.97 12.04
N ALA A 109 5.17 -9.51 13.20
CA ALA A 109 5.76 -8.33 13.80
C ALA A 109 7.26 -8.56 14.08
N ARG A 110 7.57 -9.77 14.55
CA ARG A 110 8.93 -10.16 14.84
C ARG A 110 9.80 -10.19 13.59
N PHE A 111 9.27 -10.78 12.53
CA PHE A 111 9.89 -10.80 11.22
C PHE A 111 10.44 -9.42 10.80
N PHE A 112 9.60 -8.40 10.92
CA PHE A 112 9.99 -7.03 10.60
C PHE A 112 10.85 -6.38 11.69
N PHE A 113 10.55 -6.65 12.95
CA PHE A 113 11.29 -6.04 14.02
C PHE A 113 12.74 -6.47 14.02
N GLN A 114 13.01 -7.75 13.69
CA GLN A 114 14.36 -8.24 13.61
C GLN A 114 15.16 -7.48 12.55
N GLN A 115 14.51 -7.23 11.41
CA GLN A 115 15.11 -6.45 10.34
C GLN A 115 15.35 -4.99 10.74
N LEU A 116 14.35 -4.42 11.37
CA LEU A 116 14.47 -3.03 11.88
C LEU A 116 15.66 -2.86 12.82
N ILE A 117 15.72 -3.70 13.85
CA ILE A 117 16.79 -3.62 14.83
C ILE A 117 18.15 -3.84 14.20
N SER A 118 18.26 -4.84 13.31
CA SER A 118 19.49 -5.08 12.62
C SER A 118 19.96 -3.87 11.82
N GLY A 119 19.04 -3.29 11.05
CA GLY A 119 19.35 -2.07 10.31
C GLY A 119 19.74 -0.91 11.24
N VAL A 120 19.00 -0.76 12.34
CA VAL A 120 19.27 0.38 13.25
C VAL A 120 20.66 0.18 13.92
N SER A 121 20.95 -1.06 14.33
CA SER A 121 22.23 -1.36 14.97
C SER A 121 23.39 -1.05 14.01
N TYR A 122 23.22 -1.42 12.74
CA TYR A 122 24.19 -1.11 11.72
C TYR A 122 24.39 0.39 11.57
N CYS A 123 23.28 1.11 11.37
CA CYS A 123 23.38 2.56 11.27
C CYS A 123 24.15 3.18 12.46
N HIS A 124 23.77 2.77 13.67
CA HIS A 124 24.43 3.25 14.88
C HIS A 124 25.94 3.01 14.87
N SER A 125 26.36 1.81 14.42
CA SER A 125 27.75 1.44 14.34
C SER A 125 28.55 2.30 13.33
N MET A 126 27.88 2.96 12.39
CA MET A 126 28.50 3.81 11.39
C MET A 126 28.35 5.30 11.68
N GLN A 127 27.84 5.68 12.84
CA GLN A 127 27.57 7.11 13.08
C GLN A 127 28.66 7.77 13.91
N VAL A 128 29.13 8.95 13.52
CA VAL A 128 29.85 9.80 14.47
C VAL A 128 28.89 10.78 15.16
N CYS A 129 27.68 10.89 14.61
CA CYS A 129 26.65 11.73 15.21
C CYS A 129 25.26 11.20 14.86
N HIS A 130 24.27 11.54 15.67
CA HIS A 130 22.92 11.05 15.44
C HIS A 130 22.38 11.54 14.11
N ARG A 131 21.71 10.63 13.40
CA ARG A 131 21.13 10.92 12.11
C ARG A 131 19.65 10.58 12.18
N ASP A 132 18.81 11.37 11.52
CA ASP A 132 17.38 11.10 11.50
C ASP A 132 17.21 9.91 10.59
N LEU A 133 16.90 8.75 11.15
CA LEU A 133 16.72 7.55 10.34
C LEU A 133 15.32 7.40 9.75
N LYS A 134 14.45 8.37 9.99
CA LYS A 134 13.08 8.37 9.48
C LYS A 134 12.32 7.10 9.85
N LEU A 135 12.47 6.68 11.11
CA LEU A 135 11.85 5.46 11.57
C LEU A 135 10.34 5.52 11.49
N GLU A 136 9.76 6.72 11.55
CA GLU A 136 8.33 6.80 11.41
C GLU A 136 7.90 6.22 10.05
N ASN A 137 8.75 6.31 9.03
CA ASN A 137 8.35 5.80 7.72
C ASN A 137 9.25 4.81 6.94
N THR A 138 9.55 3.67 7.54
CA THR A 138 10.32 2.64 6.88
C THR A 138 9.54 2.01 5.75
N LEU A 139 10.26 1.56 4.75
CA LEU A 139 9.69 1.06 3.53
C LEU A 139 9.92 -0.42 3.44
N LEU A 140 9.26 -1.02 2.45
CA LEU A 140 9.33 -2.42 2.17
C LEU A 140 9.72 -2.62 0.72
N ASP A 141 10.53 -3.64 0.46
CA ASP A 141 10.93 -3.98 -0.87
C ASP A 141 10.46 -5.36 -1.11
N GLY A 142 9.65 -5.51 -2.15
CA GLY A 142 8.96 -6.78 -2.41
C GLY A 142 7.63 -6.93 -1.70
N SER A 143 6.78 -7.79 -2.27
CA SER A 143 5.44 -8.08 -1.77
C SER A 143 5.44 -9.28 -0.81
N THR A 144 6.19 -10.31 -1.19
CA THR A 144 6.29 -11.56 -0.43
C THR A 144 7.57 -11.59 0.38
N ALA A 145 7.47 -11.84 1.69
CA ALA A 145 8.62 -11.87 2.59
C ALA A 145 9.41 -10.59 2.41
N PRO A 146 8.74 -9.46 2.52
CA PRO A 146 9.37 -8.17 2.24
C PRO A 146 10.55 -7.84 3.11
N ARG A 147 11.53 -7.24 2.47
CA ARG A 147 12.76 -6.76 3.13
C ARG A 147 12.45 -5.31 3.59
N LEU A 148 12.62 -5.05 4.86
CA LEU A 148 12.47 -3.71 5.42
C LEU A 148 13.62 -2.78 4.98
N LYS A 149 13.31 -1.53 4.65
CA LYS A 149 14.28 -0.55 4.20
C LYS A 149 14.17 0.74 5.00
N ILE A 150 15.27 1.05 5.69
CA ILE A 150 15.42 2.27 6.41
C ILE A 150 16.03 3.26 5.43
N CYS A 151 15.53 4.49 5.44
CA CYS A 151 16.05 5.54 4.56
C CYS A 151 17.09 6.41 5.28
N ASP A 152 18.30 5.88 5.42
CA ASP A 152 19.41 6.57 6.08
C ASP A 152 20.16 7.46 5.08
N PHE A 153 19.50 8.50 4.60
CA PHE A 153 20.10 9.41 3.62
C PHE A 153 19.38 10.73 3.63
N GLY A 154 20.02 11.79 3.15
CA GLY A 154 19.33 13.10 3.15
C GLY A 154 19.93 14.04 2.14
N TYR A 155 19.14 14.52 1.18
CA TYR A 155 19.63 15.38 0.07
C TYR A 155 18.64 16.52 -0.21
N THR A 171 3.33 11.67 12.90
CA THR A 171 2.91 11.61 14.28
C THR A 171 4.07 11.88 15.25
N PRO A 172 3.84 12.75 16.27
CA PRO A 172 4.77 12.86 17.37
C PRO A 172 4.94 11.60 18.23
N ALA A 173 4.12 10.58 18.05
CA ALA A 173 4.26 9.30 18.81
C ALA A 173 5.67 8.74 18.84
N TYR A 174 6.40 8.96 17.75
CA TYR A 174 7.77 8.46 17.62
C TYR A 174 8.82 9.17 18.46
N ILE A 175 8.47 10.35 18.99
CA ILE A 175 9.43 11.18 19.71
C ILE A 175 9.50 10.66 21.15
N ALA A 176 10.69 10.37 21.61
CA ALA A 176 10.90 9.92 22.96
C ALA A 176 10.77 11.09 23.94
N PRO A 177 10.33 10.81 25.18
CA PRO A 177 10.13 11.86 26.17
C PRO A 177 11.33 12.78 26.34
N GLU A 178 12.53 12.21 26.51
CA GLU A 178 13.74 13.00 26.65
C GLU A 178 14.07 13.90 25.46
N VAL A 179 13.61 13.55 24.25
CA VAL A 179 13.85 14.40 23.07
C VAL A 179 13.07 15.75 23.23
N LEU A 180 11.95 15.68 23.91
CA LEU A 180 11.14 16.85 24.18
C LEU A 180 11.68 17.62 25.38
N LEU A 181 12.07 16.91 26.43
CA LEU A 181 12.39 17.50 27.73
C LEU A 181 13.84 17.90 28.00
N LYS A 182 14.81 17.24 27.41
CA LYS A 182 16.21 17.45 27.79
C LYS A 182 17.03 18.19 26.77
N LYS A 183 17.87 19.09 27.27
CA LYS A 183 18.82 19.86 26.44
C LYS A 183 19.75 18.93 25.64
N GLU A 184 20.22 17.87 26.30
CA GLU A 184 21.09 16.89 25.67
C GLU A 184 20.46 15.52 25.84
N TYR A 185 20.47 14.72 24.78
CA TYR A 185 20.04 13.33 24.87
C TYR A 185 20.86 12.47 23.89
N ASP A 186 20.96 11.20 24.24
CA ASP A 186 21.57 10.19 23.39
C ASP A 186 20.57 9.76 22.29
N GLY A 187 20.91 10.12 21.05
CA GLY A 187 20.12 9.80 19.89
C GLY A 187 19.89 8.31 19.65
N LYS A 188 20.84 7.48 20.05
CA LYS A 188 20.68 6.06 19.88
C LYS A 188 19.61 5.51 20.83
N VAL A 189 19.50 6.08 22.03
CA VAL A 189 18.52 5.63 23.01
C VAL A 189 17.13 6.13 22.61
N ALA A 190 17.05 7.30 21.98
CA ALA A 190 15.79 7.80 21.43
C ALA A 190 15.32 6.92 20.26
N ASP A 191 16.25 6.41 19.47
CA ASP A 191 15.90 5.43 18.43
C ASP A 191 15.26 4.15 18.96
N VAL A 192 15.65 3.72 20.17
CA VAL A 192 15.05 2.56 20.77
C VAL A 192 13.58 2.80 21.01
N TRP A 193 13.24 3.98 21.54
CA TRP A 193 11.85 4.30 21.73
C TRP A 193 11.09 4.24 20.41
N SER A 194 11.64 4.83 19.36
CA SER A 194 11.02 4.75 18.05
C SER A 194 10.79 3.34 17.52
N CYS A 195 11.77 2.47 17.72
CA CYS A 195 11.62 1.07 17.37
C CYS A 195 10.45 0.46 18.15
N GLY A 196 10.26 0.90 19.40
CA GLY A 196 9.15 0.39 20.19
C GLY A 196 7.82 0.87 19.62
N VAL A 197 7.79 2.10 19.14
CA VAL A 197 6.56 2.64 18.54
C VAL A 197 6.19 1.82 17.31
N THR A 198 7.18 1.48 16.47
CA THR A 198 6.95 0.62 15.33
C THR A 198 6.47 -0.80 15.73
N LEU A 199 7.10 -1.39 16.73
CA LEU A 199 6.60 -2.63 17.27
C LEU A 199 5.14 -2.58 17.73
N TYR A 200 4.78 -1.51 18.44
CA TYR A 200 3.42 -1.37 18.95
C TYR A 200 2.45 -1.25 17.79
N VAL A 201 2.78 -0.44 16.79
CA VAL A 201 1.83 -0.22 15.70
C VAL A 201 1.66 -1.52 14.90
N MET A 202 2.72 -2.30 14.78
CA MET A 202 2.61 -3.60 14.12
C MET A 202 1.67 -4.54 14.90
N LEU A 203 1.78 -4.55 16.24
CA LEU A 203 0.99 -5.48 17.06
C LEU A 203 -0.44 -5.03 17.28
N VAL A 204 -0.69 -3.74 17.27
CA VAL A 204 -1.97 -3.18 17.62
C VAL A 204 -2.74 -2.68 16.40
N GLY A 205 -2.06 -2.07 15.42
CA GLY A 205 -2.71 -1.55 14.23
C GLY A 205 -2.95 -0.07 14.33
N ALA A 206 -2.53 0.54 15.42
CA ALA A 206 -2.63 2.00 15.62
C ALA A 206 -1.41 2.49 16.39
N TYR A 207 -1.14 3.78 16.35
CA TYR A 207 -0.06 4.35 17.14
C TYR A 207 -0.38 4.34 18.63
N PRO A 208 0.63 4.16 19.49
CA PRO A 208 0.39 4.39 20.90
C PRO A 208 0.36 5.93 21.13
N PHE A 209 -0.16 6.38 22.25
CA PHE A 209 -0.17 7.79 22.70
C PHE A 209 -1.15 8.67 21.95
N GLU A 210 -1.04 8.71 20.64
CA GLU A 210 -1.91 9.53 19.81
C GLU A 210 -3.38 9.11 19.95
N ASP A 211 -4.28 10.07 20.15
CA ASP A 211 -5.72 9.83 20.11
C ASP A 211 -6.15 9.59 18.67
N PRO A 212 -6.66 8.36 18.35
CA PRO A 212 -7.04 8.10 16.95
C PRO A 212 -8.16 9.01 16.42
N ASP A 213 -9.00 9.54 17.30
CA ASP A 213 -10.04 10.51 16.91
C ASP A 213 -9.54 11.97 16.91
N GLU A 214 -8.36 12.24 17.48
CA GLU A 214 -7.80 13.59 17.49
C GLU A 214 -6.32 13.56 17.11
N PRO A 215 -6.02 13.04 15.91
CA PRO A 215 -4.61 12.94 15.48
C PRO A 215 -3.83 14.24 15.47
N LYS A 216 -4.49 15.39 15.30
CA LYS A 216 -3.79 16.67 15.25
C LYS A 216 -3.79 17.42 16.59
N ASN A 217 -4.32 16.79 17.64
CA ASN A 217 -4.14 17.32 18.96
C ASN A 217 -2.76 16.87 19.49
N PHE A 218 -1.75 17.56 19.00
CA PHE A 218 -0.39 17.25 19.34
C PHE A 218 -0.08 17.38 20.82
N ARG A 219 -0.64 18.39 21.45
CA ARG A 219 -0.52 18.58 22.88
C ARG A 219 -0.95 17.35 23.67
N LYS A 220 -2.10 16.80 23.32
CA LYS A 220 -2.63 15.62 23.99
C LYS A 220 -1.74 14.40 23.78
N THR A 221 -1.27 14.21 22.57
CA THR A 221 -0.35 13.11 22.27
C THR A 221 0.96 13.27 23.08
N ILE A 222 1.48 14.49 23.17
CA ILE A 222 2.75 14.75 23.85
C ILE A 222 2.58 14.51 25.35
N GLN A 223 1.52 15.00 25.95
CA GLN A 223 1.28 14.73 27.38
C GLN A 223 1.24 13.21 27.67
N ARG A 224 0.60 12.46 26.79
CA ARG A 224 0.61 10.99 26.91
C ARG A 224 2.01 10.34 26.74
N ILE A 225 2.80 10.84 25.80
CA ILE A 225 4.20 10.42 25.67
C ILE A 225 4.96 10.64 26.96
N LEU A 226 4.82 11.85 27.51
CA LEU A 226 5.57 12.25 28.71
C LEU A 226 5.20 11.40 29.91
N GLY A 227 3.91 11.06 30.01
CA GLY A 227 3.42 10.15 31.02
C GLY A 227 3.56 8.65 30.70
N VAL A 228 4.11 8.31 29.55
CA VAL A 228 4.12 6.93 29.03
C VAL A 228 2.73 6.27 29.20
N GLN A 229 1.70 6.94 28.72
CA GLN A 229 0.31 6.47 28.86
C GLN A 229 -0.12 5.73 27.61
N TYR A 230 -0.07 4.42 27.69
CA TYR A 230 -0.51 3.56 26.61
C TYR A 230 -1.01 2.29 27.24
N SER A 231 -1.78 1.53 26.48
CA SER A 231 -2.07 0.16 26.84
C SER A 231 -2.27 -0.66 25.56
N ILE A 232 -1.91 -1.91 25.64
CA ILE A 232 -2.17 -2.84 24.58
C ILE A 232 -3.58 -3.37 24.76
N PRO A 233 -4.44 -3.27 23.72
CA PRO A 233 -5.83 -3.70 23.95
C PRO A 233 -5.96 -5.13 24.43
N ASP A 234 -7.01 -5.38 25.22
CA ASP A 234 -7.23 -6.73 25.78
C ASP A 234 -7.35 -7.80 24.71
N TYR A 235 -7.98 -7.47 23.57
CA TYR A 235 -8.08 -8.45 22.46
C TYR A 235 -6.78 -8.75 21.72
N VAL A 236 -5.76 -7.92 21.89
CA VAL A 236 -4.45 -8.19 21.34
C VAL A 236 -3.71 -9.01 22.40
N HIS A 237 -3.44 -10.27 22.08
CA HIS A 237 -2.76 -11.14 23.02
C HIS A 237 -1.32 -11.25 22.55
N ILE A 238 -0.41 -10.91 23.44
CA ILE A 238 0.99 -11.07 23.18
C ILE A 238 1.64 -11.89 24.26
N SER A 239 2.66 -12.63 23.87
CA SER A 239 3.43 -13.47 24.76
C SER A 239 4.08 -12.60 25.86
N PRO A 240 4.47 -13.24 26.96
CA PRO A 240 5.13 -12.55 28.07
C PRO A 240 6.46 -11.94 27.65
N GLU A 241 7.19 -12.68 26.83
CA GLU A 241 8.48 -12.21 26.28
C GLU A 241 8.27 -10.93 25.46
N CYS A 242 7.19 -10.88 24.70
CA CYS A 242 6.87 -9.70 23.91
C CYS A 242 6.53 -8.53 24.82
N GLN A 243 5.66 -8.78 25.82
CA GLN A 243 5.30 -7.74 26.81
C GLN A 243 6.52 -7.21 27.52
N ASP A 244 7.44 -8.12 27.84
CA ASP A 244 8.68 -7.77 28.54
C ASP A 244 9.49 -6.79 27.70
N LEU A 245 9.69 -7.13 26.44
CA LEU A 245 10.40 -6.21 25.52
C LEU A 245 9.75 -4.81 25.45
N ILE A 246 8.43 -4.78 25.28
CA ILE A 246 7.70 -3.51 25.12
C ILE A 246 7.81 -2.66 26.36
N SER A 247 7.56 -3.26 27.54
CA SER A 247 7.67 -2.57 28.80
C SER A 247 9.08 -1.99 29.04
N ARG A 248 10.10 -2.69 28.59
CA ARG A 248 11.48 -2.24 28.76
C ARG A 248 11.89 -1.19 27.76
N ILE A 249 11.18 -1.09 26.64
CA ILE A 249 11.43 0.01 25.71
C ILE A 249 10.70 1.25 26.23
N PHE A 250 9.42 1.12 26.64
CA PHE A 250 8.61 2.31 26.95
C PHE A 250 8.80 2.65 28.43
N VAL A 251 9.98 3.20 28.71
CA VAL A 251 10.30 3.81 30.01
C VAL A 251 10.78 5.23 29.67
N ALA A 252 10.33 6.22 30.45
CA ALA A 252 10.59 7.61 30.13
C ALA A 252 12.09 7.91 30.32
N ASN A 253 12.71 7.29 31.30
CA ASN A 253 14.10 7.59 31.67
C ASN A 253 15.04 6.86 30.71
N PRO A 254 15.73 7.62 29.84
CA PRO A 254 16.59 6.99 28.84
C PRO A 254 17.70 6.15 29.44
N ALA A 255 18.15 6.53 30.63
CA ALA A 255 19.19 5.76 31.33
C ALA A 255 18.76 4.34 31.68
N THR A 256 17.47 4.10 31.87
CA THR A 256 16.97 2.76 32.21
C THR A 256 16.36 2.01 31.03
N ARG A 257 16.24 2.67 29.88
CA ARG A 257 15.68 2.03 28.69
C ARG A 257 16.59 0.89 28.21
N ILE A 258 15.98 -0.19 27.77
CA ILE A 258 16.72 -1.29 27.11
C ILE A 258 17.49 -0.73 25.92
N THR A 259 18.72 -1.19 25.73
CA THR A 259 19.58 -0.77 24.64
C THR A 259 19.45 -1.73 23.43
N ILE A 260 19.97 -1.30 22.28
CA ILE A 260 19.94 -2.08 21.06
C ILE A 260 20.69 -3.42 21.23
N PRO A 261 21.91 -3.40 21.81
CA PRO A 261 22.57 -4.69 22.10
C PRO A 261 21.77 -5.62 23.02
N GLU A 262 21.09 -5.05 24.02
CA GLU A 262 20.26 -5.86 24.90
C GLU A 262 19.03 -6.38 24.14
N ILE A 263 18.48 -5.57 23.22
CA ILE A 263 17.36 -6.06 22.38
C ILE A 263 17.83 -7.25 21.53
N ARG A 264 19.04 -7.15 20.98
CA ARG A 264 19.60 -8.19 20.12
C ARG A 264 19.84 -9.51 20.87
N ASN A 265 19.91 -9.44 22.21
CA ASN A 265 20.03 -10.63 23.08
C ASN A 265 18.75 -10.95 23.81
N HIS A 266 17.64 -10.30 23.45
CA HIS A 266 16.34 -10.56 24.08
C HIS A 266 15.72 -11.81 23.49
N PRO A 267 15.13 -12.68 24.32
CA PRO A 267 14.55 -13.90 23.77
C PRO A 267 13.46 -13.72 22.70
N TRP A 268 12.69 -12.65 22.77
CA TRP A 268 11.64 -12.39 21.75
C TRP A 268 12.31 -12.08 20.41
N PHE A 269 13.40 -11.30 20.44
CA PHE A 269 14.15 -10.99 19.24
C PHE A 269 14.87 -12.23 18.68
N LEU A 270 15.40 -13.06 19.57
CA LEU A 270 16.21 -14.23 19.18
C LEU A 270 15.41 -15.36 18.57
N LYS A 271 14.13 -15.47 18.96
CA LYS A 271 13.25 -16.51 18.44
C LYS A 271 13.13 -16.43 16.93
N ASN A 272 13.41 -17.55 16.24
CA ASN A 272 13.27 -17.62 14.79
C ASN A 272 14.12 -16.62 14.03
N LEU A 273 15.28 -16.22 14.61
CA LEU A 273 16.16 -15.28 13.98
C LEU A 273 16.81 -15.93 12.76
N PRO A 274 16.69 -15.31 11.58
CA PRO A 274 17.32 -15.87 10.42
C PRO A 274 18.84 -15.92 10.58
N ALA A 275 19.48 -16.83 9.86
CA ALA A 275 20.93 -17.02 9.94
C ALA A 275 21.67 -15.75 9.57
N ASP A 276 21.16 -15.01 8.59
CA ASP A 276 21.81 -13.77 8.18
C ASP A 276 21.88 -12.69 9.28
N LEU A 277 20.85 -12.61 10.12
CA LEU A 277 20.81 -11.62 11.20
C LEU A 277 21.49 -11.98 12.55
N MET A 278 21.99 -13.20 12.66
CA MET A 278 22.62 -13.69 13.89
C MET A 278 23.99 -13.04 14.17
N ASP A 279 24.37 -13.04 15.46
CA ASP A 279 25.69 -12.61 15.98
C ASP A 279 25.82 -11.10 15.90
N MET A 294 29.64 -0.38 -9.10
CA MET A 294 30.09 0.61 -8.13
C MET A 294 31.23 1.47 -8.72
N GLN A 295 31.36 2.70 -8.19
CA GLN A 295 32.43 3.61 -8.55
C GLN A 295 33.41 3.63 -7.38
N SER A 296 34.67 3.89 -7.68
CA SER A 296 35.64 4.24 -6.65
C SER A 296 35.28 5.62 -6.07
N MET A 297 35.76 5.83 -4.86
CA MET A 297 35.68 7.15 -4.24
C MET A 297 36.34 8.21 -5.16
N ASP A 298 37.43 7.84 -5.83
CA ASP A 298 38.12 8.75 -6.75
C ASP A 298 37.18 9.26 -7.84
N GLU A 299 36.50 8.34 -8.53
CA GLU A 299 35.53 8.71 -9.56
C GLU A 299 34.37 9.56 -9.02
N ILE A 300 33.83 9.20 -7.87
CA ILE A 300 32.73 9.95 -7.28
C ILE A 300 33.18 11.38 -6.99
N MET A 301 34.31 11.52 -6.30
CA MET A 301 34.84 12.86 -5.97
C MET A 301 35.08 13.70 -7.25
N GLN A 302 35.58 13.08 -8.32
CA GLN A 302 35.77 13.83 -9.58
C GLN A 302 34.46 14.27 -10.22
N ILE A 303 33.44 13.41 -10.16
CA ILE A 303 32.11 13.82 -10.63
C ILE A 303 31.58 14.98 -9.81
N LEU A 304 31.65 14.88 -8.49
CA LEU A 304 31.17 16.00 -7.64
C LEU A 304 31.89 17.32 -7.92
N ALA A 305 33.21 17.24 -8.11
CA ALA A 305 34.03 18.41 -8.48
C ALA A 305 33.55 19.04 -9.81
N GLU A 306 33.43 18.22 -10.83
CA GLU A 306 32.89 18.70 -12.12
C GLU A 306 31.46 19.32 -11.97
N ALA A 307 30.64 18.73 -11.08
CA ALA A 307 29.24 19.14 -10.92
C ALA A 307 29.11 20.53 -10.26
N THR A 308 30.18 21.01 -9.62
CA THR A 308 30.21 22.37 -9.09
C THR A 308 30.24 23.43 -10.19
N ILE A 309 30.57 23.05 -11.42
CA ILE A 309 30.58 23.96 -12.58
C ILE A 309 29.26 23.89 -13.35
N PRO A 310 28.49 25.00 -13.37
CA PRO A 310 27.29 25.05 -14.18
C PRO A 310 27.63 25.16 -15.66
N MET B 4 -21.35 -0.29 17.02
CA MET B 4 -20.82 -1.65 16.74
C MET B 4 -20.84 -2.43 18.07
N PRO B 5 -21.47 -3.61 18.10
CA PRO B 5 -21.62 -4.27 19.39
C PRO B 5 -20.31 -4.79 19.89
N ILE B 6 -20.30 -5.26 21.11
CA ILE B 6 -19.14 -5.95 21.67
C ILE B 6 -18.82 -7.20 20.86
N MET B 7 -17.61 -7.69 21.04
CA MET B 7 -17.14 -8.87 20.34
C MET B 7 -17.96 -10.10 20.74
N HIS B 8 -18.12 -11.01 19.79
CA HIS B 8 -18.99 -12.17 19.91
C HIS B 8 -18.40 -13.32 19.12
N ASP B 9 -18.92 -14.49 19.38
CA ASP B 9 -18.50 -15.71 18.70
C ASP B 9 -16.99 -15.90 18.72
N GLY B 10 -16.37 -15.57 19.85
CA GLY B 10 -14.94 -15.71 20.08
C GLY B 10 -14.44 -17.11 19.89
N ASP B 11 -15.32 -18.10 20.04
CA ASP B 11 -14.95 -19.50 19.81
C ASP B 11 -14.63 -19.80 18.36
N ARG B 12 -15.25 -19.05 17.45
CA ARG B 12 -15.02 -19.22 16.02
C ARG B 12 -14.13 -18.11 15.39
N TYR B 13 -14.16 -16.90 15.96
CA TYR B 13 -13.49 -15.76 15.39
C TYR B 13 -12.57 -15.04 16.40
N GLU B 14 -11.41 -14.61 15.90
CA GLU B 14 -10.55 -13.69 16.65
C GLU B 14 -10.79 -12.28 16.16
N LEU B 15 -10.95 -11.32 17.08
CA LEU B 15 -11.03 -9.93 16.70
C LEU B 15 -9.61 -9.43 16.28
N VAL B 16 -9.49 -8.95 15.03
CA VAL B 16 -8.24 -8.43 14.50
C VAL B 16 -8.20 -6.93 14.83
N ARG B 17 -9.15 -6.18 14.30
CA ARG B 17 -9.22 -4.77 14.53
C ARG B 17 -10.57 -4.21 14.09
N ASP B 18 -11.12 -3.25 14.84
CA ASP B 18 -12.22 -2.42 14.34
C ASP B 18 -11.70 -1.29 13.45
N ILE B 19 -12.21 -1.21 12.21
CA ILE B 19 -11.72 -0.25 11.19
C ILE B 19 -12.80 0.74 10.75
N VAL B 26 -16.98 1.20 7.70
CA VAL B 26 -16.93 1.01 9.14
C VAL B 26 -17.25 -0.46 9.44
N ALA B 27 -16.25 -1.21 9.88
CA ALA B 27 -16.35 -2.67 9.86
C ALA B 27 -15.45 -3.26 10.91
N ARG B 28 -15.70 -4.52 11.24
CA ARG B 28 -14.87 -5.22 12.17
C ARG B 28 -14.13 -6.30 11.38
N LEU B 29 -12.80 -6.28 11.44
CA LEU B 29 -11.99 -7.34 10.85
C LEU B 29 -11.82 -8.46 11.84
N MET B 30 -11.96 -9.69 11.36
CA MET B 30 -11.89 -10.86 12.20
C MET B 30 -11.11 -11.91 11.47
N ARG B 31 -10.57 -12.84 12.22
CA ARG B 31 -9.87 -13.97 11.65
C ARG B 31 -10.64 -15.19 12.08
N ASN B 32 -11.00 -16.01 11.12
CA ASN B 32 -11.66 -17.27 11.38
C ASN B 32 -10.62 -18.23 11.96
N ARG B 33 -10.90 -18.74 13.17
CA ARG B 33 -9.95 -19.60 13.89
C ARG B 33 -9.76 -20.96 13.23
N ALA B 34 -10.80 -21.48 12.58
CA ALA B 34 -10.72 -22.76 11.88
C ALA B 34 -9.77 -22.69 10.69
N ASP B 35 -10.07 -21.82 9.72
CA ASP B 35 -9.30 -21.73 8.44
C ASP B 35 -8.28 -20.57 8.32
N GLY B 36 -8.24 -19.68 9.32
CA GLY B 36 -7.30 -18.58 9.31
C GLY B 36 -7.66 -17.40 8.39
N GLN B 37 -8.83 -17.43 7.75
CA GLN B 37 -9.21 -16.43 6.77
C GLN B 37 -9.63 -15.15 7.46
N LEU B 38 -9.28 -14.01 6.87
CA LEU B 38 -9.70 -12.70 7.35
C LEU B 38 -11.06 -12.42 6.78
N VAL B 39 -11.93 -11.82 7.59
CA VAL B 39 -13.28 -11.47 7.19
C VAL B 39 -13.56 -10.06 7.68
N ALA B 40 -14.43 -9.38 6.98
CA ALA B 40 -14.94 -8.08 7.37
C ALA B 40 -16.40 -8.30 7.79
N VAL B 41 -16.78 -7.67 8.87
CA VAL B 41 -18.09 -7.83 9.43
C VAL B 41 -18.76 -6.48 9.49
N LYS B 42 -19.95 -6.39 8.87
CA LYS B 42 -20.81 -5.21 8.94
C LYS B 42 -22.00 -5.52 9.84
N TYR B 43 -22.46 -4.51 10.58
CA TYR B 43 -23.47 -4.72 11.61
C TYR B 43 -24.67 -3.83 11.30
N ILE B 44 -25.86 -4.37 11.50
CA ILE B 44 -27.11 -3.62 11.36
C ILE B 44 -27.90 -3.85 12.64
N GLU B 45 -28.41 -2.77 13.21
CA GLU B 45 -29.17 -2.83 14.46
C GLU B 45 -30.42 -3.68 14.27
N ARG B 46 -30.67 -4.55 15.24
CA ARG B 46 -31.88 -5.37 15.25
C ARG B 46 -33.13 -4.50 15.34
N GLY B 47 -34.21 -4.95 14.70
CA GLY B 47 -35.45 -4.17 14.68
C GLY B 47 -35.82 -3.74 13.29
N GLU B 48 -36.41 -2.55 13.19
CA GLU B 48 -37.01 -2.04 11.96
C GLU B 48 -36.03 -1.92 10.79
N LYS B 49 -34.73 -1.73 11.06
CA LYS B 49 -33.73 -1.65 10.00
C LYS B 49 -33.57 -2.99 9.24
N ILE B 50 -33.91 -4.12 9.88
CA ILE B 50 -33.84 -5.43 9.22
C ILE B 50 -35.12 -5.62 8.39
N ASP B 51 -35.10 -5.14 7.16
CA ASP B 51 -36.27 -5.22 6.28
C ASP B 51 -36.02 -6.05 5.04
N GLU B 52 -36.95 -5.95 4.08
CA GLU B 52 -36.87 -6.70 2.85
C GLU B 52 -35.63 -6.34 2.03
N ASN B 53 -35.27 -5.06 2.04
CA ASN B 53 -34.09 -4.62 1.30
C ASN B 53 -32.84 -5.29 1.84
N VAL B 54 -32.73 -5.39 3.16
CA VAL B 54 -31.59 -6.03 3.77
C VAL B 54 -31.54 -7.49 3.38
N GLN B 55 -32.70 -8.14 3.41
CA GLN B 55 -32.78 -9.55 3.05
C GLN B 55 -32.38 -9.76 1.61
N ARG B 56 -32.91 -8.93 0.72
CA ARG B 56 -32.62 -9.06 -0.70
C ARG B 56 -31.14 -8.84 -0.98
N GLU B 57 -30.56 -7.84 -0.35
CA GLU B 57 -29.15 -7.54 -0.55
C GLU B 57 -28.30 -8.71 -0.09
N ILE B 58 -28.64 -9.25 1.07
CA ILE B 58 -27.89 -10.38 1.61
C ILE B 58 -28.01 -11.59 0.71
N ILE B 59 -29.22 -11.86 0.23
CA ILE B 59 -29.43 -13.01 -0.63
C ILE B 59 -28.61 -12.82 -1.91
N ASN B 60 -28.84 -11.74 -2.63
CA ASN B 60 -28.12 -11.41 -3.90
C ASN B 60 -26.61 -11.59 -3.74
N HIS B 61 -26.05 -11.03 -2.69
CA HIS B 61 -24.59 -11.13 -2.44
C HIS B 61 -24.20 -12.61 -2.29
N ARG B 62 -24.98 -13.38 -1.55
CA ARG B 62 -24.73 -14.80 -1.37
C ARG B 62 -24.67 -15.58 -2.69
N SER B 63 -25.46 -15.16 -3.67
CA SER B 63 -25.48 -15.86 -4.95
C SER B 63 -24.19 -15.65 -5.80
N LEU B 64 -23.43 -14.59 -5.50
CA LEU B 64 -22.19 -14.24 -6.29
C LEU B 64 -21.03 -15.11 -5.85
N ARG B 65 -20.71 -16.10 -6.67
CA ARG B 65 -19.71 -17.08 -6.33
C ARG B 65 -18.71 -17.07 -7.47
N HIS B 66 -17.70 -16.25 -7.35
CA HIS B 66 -16.61 -16.16 -8.35
C HIS B 66 -15.36 -15.70 -7.61
N PRO B 67 -14.19 -16.25 -7.93
CA PRO B 67 -12.96 -15.88 -7.18
C PRO B 67 -12.56 -14.40 -7.14
N ASN B 68 -12.97 -13.61 -8.13
CA ASN B 68 -12.61 -12.20 -8.22
C ASN B 68 -13.67 -11.25 -7.64
N ILE B 69 -14.66 -11.79 -6.90
CA ILE B 69 -15.72 -11.02 -6.32
C ILE B 69 -15.63 -11.25 -4.82
N ILE B 70 -15.86 -10.19 -4.05
CA ILE B 70 -15.92 -10.34 -2.61
C ILE B 70 -17.09 -11.24 -2.20
N ARG B 71 -16.77 -12.39 -1.62
CA ARG B 71 -17.75 -13.42 -1.28
C ARG B 71 -18.43 -13.19 0.07
N PHE B 72 -19.76 -13.41 0.11
CA PHE B 72 -20.54 -13.48 1.35
C PHE B 72 -20.16 -14.74 2.09
N LYS B 73 -20.02 -14.66 3.41
CA LYS B 73 -19.68 -15.84 4.20
C LYS B 73 -20.89 -16.31 5.00
N GLU B 74 -21.41 -15.48 5.87
CA GLU B 74 -22.49 -15.89 6.76
C GLU B 74 -23.12 -14.68 7.43
N VAL B 75 -24.33 -14.89 7.96
CA VAL B 75 -24.95 -13.93 8.87
C VAL B 75 -24.91 -14.57 10.25
N ILE B 76 -24.76 -13.73 11.27
CA ILE B 76 -24.75 -14.19 12.64
C ILE B 76 -25.65 -13.25 13.40
N LEU B 77 -26.45 -13.80 14.31
CA LEU B 77 -27.30 -13.00 15.17
C LEU B 77 -26.52 -12.70 16.45
N THR B 78 -26.50 -11.43 16.87
CA THR B 78 -25.99 -11.07 18.20
C THR B 78 -27.17 -10.53 19.01
N PRO B 79 -26.99 -10.32 20.33
CA PRO B 79 -28.07 -9.73 21.11
C PRO B 79 -28.59 -8.37 20.59
N THR B 80 -27.75 -7.56 19.96
CA THR B 80 -28.14 -6.20 19.55
C THR B 80 -28.13 -5.94 18.05
N HIS B 81 -27.44 -6.80 17.29
CA HIS B 81 -27.23 -6.54 15.86
C HIS B 81 -27.26 -7.84 15.05
N LEU B 82 -27.63 -7.67 13.79
CA LEU B 82 -27.32 -8.65 12.76
C LEU B 82 -25.87 -8.41 12.31
N ALA B 83 -25.06 -9.47 12.26
CA ALA B 83 -23.67 -9.40 11.77
C ALA B 83 -23.66 -10.04 10.37
N ILE B 84 -23.12 -9.32 9.40
CA ILE B 84 -22.97 -9.76 8.01
C ILE B 84 -21.46 -9.92 7.79
N VAL B 85 -21.03 -11.18 7.65
CA VAL B 85 -19.65 -11.58 7.53
C VAL B 85 -19.33 -11.86 6.05
N MET B 86 -18.29 -11.21 5.55
CA MET B 86 -17.84 -11.41 4.17
C MET B 86 -16.34 -11.46 4.10
N GLU B 87 -15.87 -11.96 2.96
CA GLU B 87 -14.46 -12.01 2.65
C GLU B 87 -13.81 -10.61 2.75
N TYR B 88 -12.64 -10.54 3.39
CA TYR B 88 -11.83 -9.32 3.42
C TYR B 88 -10.65 -9.47 2.47
N ALA B 89 -10.35 -8.42 1.72
CA ALA B 89 -9.17 -8.41 0.86
C ALA B 89 -8.04 -7.73 1.62
N SER B 90 -6.95 -8.45 1.89
CA SER B 90 -5.87 -7.96 2.74
C SER B 90 -4.66 -7.37 2.04
N GLY B 91 -4.70 -7.27 0.71
CA GLY B 91 -3.56 -6.75 -0.05
C GLY B 91 -3.68 -5.32 -0.50
N GLY B 92 -4.59 -4.55 0.10
CA GLY B 92 -4.82 -3.19 -0.29
C GLY B 92 -5.45 -3.02 -1.67
N GLU B 93 -5.52 -1.77 -2.08
CA GLU B 93 -6.03 -1.41 -3.39
C GLU B 93 -5.07 -1.70 -4.52
N LEU B 94 -5.64 -2.08 -5.66
CA LEU B 94 -4.89 -2.16 -6.92
C LEU B 94 -4.11 -0.88 -7.20
N PHE B 95 -4.77 0.27 -7.03
CA PHE B 95 -4.16 1.55 -7.30
C PHE B 95 -2.88 1.77 -6.50
N GLU B 96 -2.88 1.36 -5.22
CA GLU B 96 -1.69 1.50 -4.38
C GLU B 96 -0.54 0.62 -4.86
N ARG B 97 -0.87 -0.57 -5.33
CA ARG B 97 0.16 -1.43 -5.91
C ARG B 97 0.76 -0.78 -7.17
N ILE B 98 -0.07 -0.11 -7.99
CA ILE B 98 0.44 0.59 -9.18
C ILE B 98 1.38 1.71 -8.73
N CYS B 99 0.94 2.56 -7.78
CA CYS B 99 1.77 3.66 -7.30
C CYS B 99 3.12 3.16 -6.74
N ASN B 100 3.11 2.09 -5.96
CA ASN B 100 4.35 1.51 -5.47
C ASN B 100 5.31 1.09 -6.57
N ALA B 101 4.78 0.46 -7.62
CA ALA B 101 5.56 0.02 -8.76
C ALA B 101 6.01 1.11 -9.72
N GLY B 102 5.40 2.28 -9.65
CA GLY B 102 5.52 3.29 -10.69
C GLY B 102 4.51 3.04 -11.80
N ARG B 103 4.74 1.95 -12.53
CA ARG B 103 3.75 1.44 -13.46
C ARG B 103 4.08 -0.05 -13.61
N PHE B 104 3.10 -0.80 -14.07
CA PHE B 104 3.26 -2.21 -14.32
C PHE B 104 3.81 -2.44 -15.70
N SER B 105 4.48 -3.57 -15.84
CA SER B 105 4.78 -4.08 -17.15
C SER B 105 3.50 -4.51 -17.82
N GLU B 106 3.65 -4.72 -19.13
CA GLU B 106 2.57 -5.20 -19.93
C GLU B 106 2.02 -6.51 -19.39
N ASP B 107 2.93 -7.45 -19.07
CA ASP B 107 2.55 -8.74 -18.55
C ASP B 107 1.84 -8.65 -17.21
N GLU B 108 2.33 -7.81 -16.30
CA GLU B 108 1.67 -7.63 -15.01
C GLU B 108 0.29 -7.00 -15.18
N ALA B 109 0.19 -6.02 -16.07
CA ALA B 109 -1.09 -5.37 -16.30
C ALA B 109 -2.11 -6.38 -16.84
N ARG B 110 -1.63 -7.28 -17.72
CA ARG B 110 -2.46 -8.30 -18.30
C ARG B 110 -2.95 -9.29 -17.25
N PHE B 111 -2.06 -9.65 -16.31
CA PHE B 111 -2.36 -10.58 -15.19
C PHE B 111 -3.50 -10.09 -14.30
N PHE B 112 -3.60 -8.80 -14.14
CA PHE B 112 -4.75 -8.22 -13.43
C PHE B 112 -5.94 -7.96 -14.35
N PHE B 113 -5.70 -7.52 -15.58
CA PHE B 113 -6.78 -7.24 -16.49
C PHE B 113 -7.61 -8.48 -16.79
N GLN B 114 -6.95 -9.64 -16.94
CA GLN B 114 -7.64 -10.87 -17.20
C GLN B 114 -8.59 -11.23 -16.05
N GLN B 115 -8.14 -10.96 -14.83
CA GLN B 115 -8.95 -11.21 -13.66
C GLN B 115 -10.11 -10.23 -13.62
N LEU B 116 -9.83 -8.97 -13.90
CA LEU B 116 -10.88 -7.91 -13.91
C LEU B 116 -12.01 -8.28 -14.91
N ILE B 117 -11.62 -8.59 -16.16
CA ILE B 117 -12.59 -8.97 -17.17
C ILE B 117 -13.40 -10.20 -16.75
N SER B 118 -12.73 -11.19 -16.18
CA SER B 118 -13.41 -12.40 -15.70
C SER B 118 -14.46 -11.98 -14.69
N GLY B 119 -14.06 -11.27 -13.67
CA GLY B 119 -14.99 -10.81 -12.64
C GLY B 119 -16.14 -10.00 -13.23
N VAL B 120 -15.82 -9.09 -14.14
CA VAL B 120 -16.86 -8.24 -14.74
C VAL B 120 -17.85 -9.06 -15.57
N SER B 121 -17.32 -10.01 -16.35
CA SER B 121 -18.15 -10.85 -17.21
C SER B 121 -19.10 -11.66 -16.34
N TYR B 122 -18.59 -12.19 -15.23
CA TYR B 122 -19.43 -12.92 -14.27
C TYR B 122 -20.53 -12.03 -13.72
N CYS B 123 -20.14 -10.86 -13.20
CA CYS B 123 -21.15 -9.93 -12.68
C CYS B 123 -22.23 -9.62 -13.73
N HIS B 124 -21.82 -9.30 -14.95
CA HIS B 124 -22.76 -9.03 -16.03
C HIS B 124 -23.75 -10.20 -16.28
N SER B 125 -23.25 -11.42 -16.23
CA SER B 125 -24.05 -12.62 -16.41
C SER B 125 -25.09 -12.82 -15.28
N MET B 126 -24.84 -12.17 -14.14
CA MET B 126 -25.71 -12.16 -12.97
C MET B 126 -26.52 -10.86 -12.86
N GLN B 127 -26.52 -10.09 -13.93
CA GLN B 127 -27.22 -8.81 -14.06
C GLN B 127 -26.76 -7.71 -13.12
N VAL B 128 -25.50 -7.76 -12.76
CA VAL B 128 -24.91 -6.77 -11.89
C VAL B 128 -23.93 -5.98 -12.75
N CYS B 129 -24.13 -4.67 -12.86
CA CYS B 129 -23.25 -3.81 -13.66
C CYS B 129 -23.31 -2.33 -13.24
N HIS B 130 -22.37 -1.54 -13.74
CA HIS B 130 -22.39 -0.12 -13.46
C HIS B 130 -22.35 0.25 -11.97
N ARG B 131 -23.33 1.05 -11.56
CA ARG B 131 -23.44 1.57 -10.20
C ARG B 131 -23.33 0.38 -9.27
N ASP B 132 -23.85 -0.76 -9.70
CA ASP B 132 -23.71 -1.96 -8.85
C ASP B 132 -22.24 -2.34 -8.50
N LEU B 133 -21.25 -2.06 -9.38
CA LEU B 133 -19.84 -2.48 -9.22
C LEU B 133 -18.89 -1.30 -8.92
N LYS B 134 -17.90 -1.47 -8.03
CA LYS B 134 -16.98 -0.37 -7.65
C LYS B 134 -15.66 -0.52 -8.42
N LEU B 135 -15.81 -0.60 -9.76
CA LEU B 135 -14.69 -0.96 -10.66
C LEU B 135 -13.54 0.03 -10.63
N GLU B 136 -13.82 1.23 -10.14
CA GLU B 136 -12.77 2.23 -9.93
C GLU B 136 -11.82 1.94 -8.79
N ASN B 137 -12.20 1.09 -7.83
CA ASN B 137 -11.30 0.82 -6.73
C ASN B 137 -11.24 -0.64 -6.32
N THR B 138 -10.84 -1.49 -7.25
CA THR B 138 -10.68 -2.91 -6.95
C THR B 138 -9.55 -3.15 -5.97
N LEU B 139 -9.71 -4.21 -5.23
CA LEU B 139 -8.79 -4.57 -4.18
C LEU B 139 -8.00 -5.80 -4.59
N LEU B 140 -6.98 -6.08 -3.79
CA LEU B 140 -6.13 -7.23 -3.96
C LEU B 140 -6.18 -8.07 -2.70
N ASP B 141 -6.13 -9.38 -2.89
CA ASP B 141 -6.06 -10.39 -1.81
C ASP B 141 -4.62 -10.85 -1.96
N GLY B 142 -3.92 -10.88 -0.84
CA GLY B 142 -2.47 -11.00 -0.80
C GLY B 142 -1.95 -12.41 -0.84
N SER B 143 -2.05 -12.99 -2.03
CA SER B 143 -1.36 -14.24 -2.31
C SER B 143 0.02 -13.85 -2.92
N THR B 144 0.81 -14.83 -3.35
CA THR B 144 2.11 -14.50 -3.96
C THR B 144 1.85 -13.69 -5.25
N ALA B 145 0.86 -14.13 -6.00
CA ALA B 145 0.42 -13.47 -7.21
C ALA B 145 -0.96 -13.05 -6.77
N PRO B 146 -1.11 -11.79 -6.41
CA PRO B 146 -2.37 -11.30 -5.85
C PRO B 146 -3.60 -11.57 -6.70
N ARG B 147 -4.71 -11.89 -6.02
CA ARG B 147 -5.97 -12.13 -6.68
C ARG B 147 -6.79 -10.85 -6.58
N LEU B 148 -7.31 -10.39 -7.71
CA LEU B 148 -8.12 -9.18 -7.75
C LEU B 148 -9.49 -9.42 -7.12
N LYS B 149 -10.02 -8.42 -6.41
CA LYS B 149 -11.32 -8.51 -5.77
C LYS B 149 -12.16 -7.28 -6.08
N ILE B 150 -13.29 -7.52 -6.75
CA ILE B 150 -14.28 -6.53 -7.03
C ILE B 150 -15.25 -6.59 -5.86
N CYS B 151 -15.62 -5.44 -5.32
CA CYS B 151 -16.62 -5.35 -4.23
C CYS B 151 -18.04 -5.17 -4.79
N ASP B 152 -18.67 -6.28 -5.20
CA ASP B 152 -20.09 -6.25 -5.61
C ASP B 152 -21.04 -6.54 -4.43
N PHE B 153 -21.22 -5.55 -3.57
CA PHE B 153 -22.15 -5.65 -2.43
C PHE B 153 -22.56 -4.25 -2.00
N GLY B 154 -23.68 -4.12 -1.29
CA GLY B 154 -24.15 -2.82 -0.83
C GLY B 154 -25.06 -2.93 0.38
N TYR B 155 -24.65 -2.32 1.50
CA TYR B 155 -25.35 -2.41 2.80
C TYR B 155 -25.58 -1.05 3.44
N THR B 168 -12.73 7.11 -2.18
CA THR B 168 -11.27 7.26 -2.22
C THR B 168 -10.74 7.54 -3.63
N VAL B 169 -11.33 6.88 -4.64
CA VAL B 169 -10.91 7.13 -6.01
C VAL B 169 -11.96 8.01 -6.67
N GLY B 170 -11.75 9.32 -6.60
CA GLY B 170 -12.71 10.25 -7.15
C GLY B 170 -12.50 10.78 -8.54
N THR B 171 -11.55 10.26 -9.30
CA THR B 171 -11.35 10.79 -10.64
C THR B 171 -12.58 10.62 -11.54
N PRO B 172 -13.02 11.70 -12.22
CA PRO B 172 -13.99 11.57 -13.29
C PRO B 172 -13.54 10.76 -14.52
N ALA B 173 -12.25 10.38 -14.61
CA ALA B 173 -11.75 9.51 -15.71
C ALA B 173 -12.63 8.29 -15.97
N TYR B 174 -13.20 7.74 -14.91
CA TYR B 174 -14.01 6.57 -14.96
C TYR B 174 -15.40 6.74 -15.57
N ILE B 175 -15.84 7.96 -15.76
CA ILE B 175 -17.14 8.21 -16.36
C ILE B 175 -17.02 8.10 -17.88
N ALA B 176 -17.85 7.26 -18.49
CA ALA B 176 -17.81 7.10 -19.92
C ALA B 176 -18.49 8.31 -20.59
N PRO B 177 -18.07 8.66 -21.81
CA PRO B 177 -18.64 9.79 -22.54
C PRO B 177 -20.16 9.78 -22.60
N GLU B 178 -20.76 8.64 -22.95
CA GLU B 178 -22.22 8.53 -22.96
C GLU B 178 -22.88 8.76 -21.59
N VAL B 179 -22.19 8.44 -20.50
CA VAL B 179 -22.74 8.60 -19.15
C VAL B 179 -22.71 10.11 -18.81
N LEU B 180 -21.73 10.86 -19.32
CA LEU B 180 -21.71 12.30 -19.18
C LEU B 180 -22.84 12.98 -19.96
N LEU B 181 -23.15 12.45 -21.14
CA LEU B 181 -24.08 13.10 -22.06
C LEU B 181 -25.56 12.68 -21.96
N LYS B 182 -25.84 11.42 -21.64
CA LYS B 182 -27.17 10.85 -21.89
C LYS B 182 -27.85 10.36 -20.63
N LYS B 183 -29.15 10.58 -20.54
CA LYS B 183 -29.97 10.06 -19.45
C LYS B 183 -29.92 8.51 -19.40
N GLU B 184 -29.98 7.88 -20.56
CA GLU B 184 -30.15 6.43 -20.63
C GLU B 184 -29.04 5.81 -21.46
N TYR B 185 -28.45 4.74 -20.93
CA TYR B 185 -27.27 4.10 -21.55
C TYR B 185 -27.16 2.68 -21.02
N ASP B 186 -26.44 1.84 -21.78
CA ASP B 186 -26.13 0.48 -21.36
C ASP B 186 -24.99 0.46 -20.33
N GLY B 187 -25.33 0.07 -19.11
CA GLY B 187 -24.38 -0.07 -18.00
C GLY B 187 -23.22 -1.01 -18.26
N LYS B 188 -23.46 -2.06 -19.03
CA LYS B 188 -22.39 -3.01 -19.35
C LYS B 188 -21.37 -2.38 -20.26
N VAL B 189 -21.80 -1.52 -21.17
CA VAL B 189 -20.91 -0.88 -22.12
C VAL B 189 -20.08 0.20 -21.41
N ALA B 190 -20.70 0.87 -20.42
CA ALA B 190 -19.98 1.83 -19.58
C ALA B 190 -18.92 1.13 -18.73
N ASP B 191 -19.21 -0.08 -18.26
CA ASP B 191 -18.19 -0.87 -17.57
C ASP B 191 -16.95 -1.20 -18.41
N VAL B 192 -17.12 -1.36 -19.71
CA VAL B 192 -15.98 -1.61 -20.57
C VAL B 192 -15.06 -0.41 -20.56
N TRP B 193 -15.62 0.79 -20.63
CA TRP B 193 -14.84 1.99 -20.51
C TRP B 193 -14.04 2.00 -19.22
N SER B 194 -14.67 1.67 -18.10
CA SER B 194 -13.99 1.60 -16.82
C SER B 194 -12.84 0.63 -16.80
N CYS B 195 -13.05 -0.55 -17.37
CA CYS B 195 -11.98 -1.50 -17.50
C CYS B 195 -10.81 -0.92 -18.26
N GLY B 196 -11.11 -0.09 -19.29
CA GLY B 196 -10.05 0.53 -20.05
C GLY B 196 -9.27 1.54 -19.22
N VAL B 197 -9.98 2.28 -18.38
CA VAL B 197 -9.34 3.26 -17.51
C VAL B 197 -8.37 2.55 -16.55
N THR B 198 -8.82 1.44 -15.97
CA THR B 198 -7.98 0.65 -15.10
C THR B 198 -6.75 0.05 -15.82
N LEU B 199 -6.96 -0.48 -17.01
CA LEU B 199 -5.83 -0.93 -17.83
C LEU B 199 -4.82 0.19 -18.08
N TYR B 200 -5.31 1.38 -18.43
CA TYR B 200 -4.40 2.48 -18.75
C TYR B 200 -3.59 2.87 -17.52
N VAL B 201 -4.27 2.96 -16.36
CA VAL B 201 -3.55 3.39 -15.16
C VAL B 201 -2.49 2.37 -14.78
N MET B 202 -2.78 1.08 -14.99
CA MET B 202 -1.78 0.05 -14.75
C MET B 202 -0.56 0.22 -15.64
N LEU B 203 -0.77 0.53 -16.92
CA LEU B 203 0.34 0.64 -17.89
C LEU B 203 1.12 1.91 -17.78
N VAL B 204 0.46 3.00 -17.38
CA VAL B 204 1.06 4.32 -17.39
C VAL B 204 1.44 4.83 -16.01
N GLY B 205 0.64 4.53 -14.99
CA GLY B 205 0.91 4.98 -13.62
C GLY B 205 0.10 6.23 -13.28
N ALA B 206 -0.72 6.69 -14.23
CA ALA B 206 -1.60 7.84 -14.04
C ALA B 206 -2.91 7.59 -14.78
N TYR B 207 -3.96 8.31 -14.40
CA TYR B 207 -5.23 8.18 -15.12
C TYR B 207 -5.15 8.78 -16.51
N PRO B 208 -5.89 8.21 -17.49
CA PRO B 208 -6.01 8.88 -18.75
C PRO B 208 -6.95 10.05 -18.61
N PHE B 209 -6.91 10.97 -19.58
CA PHE B 209 -7.79 12.13 -19.69
C PHE B 209 -7.46 13.21 -18.68
N GLU B 210 -7.46 12.86 -17.40
CA GLU B 210 -7.03 13.74 -16.34
C GLU B 210 -5.57 14.11 -16.54
N ASP B 211 -5.28 15.40 -16.42
CA ASP B 211 -3.89 15.90 -16.41
C ASP B 211 -3.30 15.52 -15.05
N PRO B 212 -2.21 14.70 -15.04
CA PRO B 212 -1.67 14.29 -13.75
C PRO B 212 -1.13 15.45 -12.90
N ASP B 213 -0.73 16.54 -13.54
CA ASP B 213 -0.28 17.76 -12.83
C ASP B 213 -1.43 18.71 -12.48
N GLU B 214 -2.62 18.50 -13.05
CA GLU B 214 -3.80 19.34 -12.76
C GLU B 214 -5.03 18.45 -12.53
N PRO B 215 -4.95 17.55 -11.54
CA PRO B 215 -6.07 16.66 -11.25
C PRO B 215 -7.43 17.33 -11.00
N LYS B 216 -7.43 18.58 -10.50
CA LYS B 216 -8.65 19.28 -10.21
C LYS B 216 -9.10 20.26 -11.33
N ASN B 217 -8.46 20.18 -12.48
CA ASN B 217 -8.95 20.86 -13.66
C ASN B 217 -10.02 19.97 -14.29
N PHE B 218 -11.20 19.98 -13.67
CA PHE B 218 -12.26 19.08 -14.08
C PHE B 218 -12.74 19.33 -15.50
N ARG B 219 -12.80 20.59 -15.88
CA ARG B 219 -13.16 20.95 -17.25
C ARG B 219 -12.28 20.27 -18.28
N LYS B 220 -10.97 20.33 -18.05
CA LYS B 220 -10.00 19.72 -18.94
C LYS B 220 -10.17 18.21 -19.03
N THR B 221 -10.35 17.57 -17.88
CA THR B 221 -10.58 16.16 -17.86
C THR B 221 -11.84 15.76 -18.62
N ILE B 222 -12.92 16.50 -18.40
CA ILE B 222 -14.21 16.10 -18.99
C ILE B 222 -14.15 16.32 -20.51
N GLN B 223 -13.63 17.48 -20.92
CA GLN B 223 -13.49 17.73 -22.37
C GLN B 223 -12.65 16.67 -23.05
N ARG B 224 -11.57 16.23 -22.37
CA ARG B 224 -10.74 15.14 -22.91
C ARG B 224 -11.48 13.80 -22.99
N ILE B 225 -12.26 13.45 -21.97
CA ILE B 225 -13.12 12.27 -22.02
C ILE B 225 -14.04 12.34 -23.25
N LEU B 226 -14.72 13.45 -23.41
CA LEU B 226 -15.70 13.61 -24.49
C LEU B 226 -15.08 13.51 -25.86
N GLY B 227 -13.86 14.03 -25.99
CA GLY B 227 -13.06 13.89 -27.22
C GLY B 227 -12.24 12.60 -27.32
N VAL B 228 -12.35 11.70 -26.35
CA VAL B 228 -11.45 10.54 -26.23
C VAL B 228 -9.99 10.92 -26.50
N GLN B 229 -9.51 11.97 -25.84
CA GLN B 229 -8.18 12.53 -26.06
C GLN B 229 -7.31 12.04 -24.93
N TYR B 230 -6.52 11.03 -25.25
CA TYR B 230 -5.56 10.47 -24.35
C TYR B 230 -4.29 10.23 -25.13
N SER B 231 -3.20 10.09 -24.42
CA SER B 231 -1.97 9.68 -25.06
C SER B 231 -1.10 8.91 -24.09
N ILE B 232 -0.45 7.91 -24.62
CA ILE B 232 0.43 7.08 -23.85
C ILE B 232 1.80 7.74 -23.91
N PRO B 233 2.43 8.00 -22.76
CA PRO B 233 3.74 8.69 -22.85
C PRO B 233 4.76 7.94 -23.70
N ASP B 234 5.66 8.70 -24.32
CA ASP B 234 6.65 8.12 -25.26
C ASP B 234 7.52 7.05 -24.61
N TYR B 235 7.90 7.27 -23.36
CA TYR B 235 8.67 6.28 -22.57
C TYR B 235 7.93 5.01 -22.16
N VAL B 236 6.61 5.01 -22.24
CA VAL B 236 5.83 3.80 -22.02
C VAL B 236 5.71 3.08 -23.35
N HIS B 237 6.33 1.93 -23.46
CA HIS B 237 6.27 1.17 -24.71
C HIS B 237 5.30 0.03 -24.52
N ILE B 238 4.26 0.00 -25.35
CA ILE B 238 3.34 -1.15 -25.32
C ILE B 238 3.21 -1.76 -26.71
N SER B 239 2.93 -3.06 -26.74
CA SER B 239 2.76 -3.81 -27.98
C SER B 239 1.60 -3.26 -28.84
N PRO B 240 1.64 -3.51 -30.17
CA PRO B 240 0.53 -3.13 -31.06
C PRO B 240 -0.82 -3.69 -30.65
N GLU B 241 -0.83 -4.94 -30.21
CA GLU B 241 -2.04 -5.58 -29.68
C GLU B 241 -2.63 -4.84 -28.48
N CYS B 242 -1.77 -4.36 -27.59
CA CYS B 242 -2.20 -3.62 -26.41
C CYS B 242 -2.81 -2.30 -26.82
N GLN B 243 -2.13 -1.56 -27.69
CA GLN B 243 -2.63 -0.28 -28.20
C GLN B 243 -4.00 -0.46 -28.87
N ASP B 244 -4.11 -1.54 -29.63
CA ASP B 244 -5.34 -1.85 -30.35
C ASP B 244 -6.49 -2.04 -29.38
N LEU B 245 -6.28 -2.84 -28.34
CA LEU B 245 -7.32 -3.02 -27.33
C LEU B 245 -7.75 -1.69 -26.69
N ILE B 246 -6.78 -0.87 -26.29
CA ILE B 246 -7.08 0.41 -25.61
C ILE B 246 -7.86 1.33 -26.53
N SER B 247 -7.42 1.49 -27.79
CA SER B 247 -8.14 2.31 -28.77
C SER B 247 -9.59 1.84 -29.01
N ARG B 248 -9.82 0.54 -28.95
CA ARG B 248 -11.15 -0.01 -29.16
C ARG B 248 -12.05 0.09 -27.93
N ILE B 249 -11.44 0.25 -26.76
CA ILE B 249 -12.22 0.55 -25.58
C ILE B 249 -12.54 2.08 -25.58
N PHE B 250 -11.56 2.93 -25.82
CA PHE B 250 -11.74 4.37 -25.69
C PHE B 250 -12.28 4.98 -26.99
N VAL B 251 -13.54 4.68 -27.25
CA VAL B 251 -14.31 5.29 -28.32
C VAL B 251 -15.57 5.91 -27.66
N ALA B 252 -15.95 7.10 -28.12
CA ALA B 252 -17.03 7.83 -27.49
C ALA B 252 -18.38 7.13 -27.68
N ASN B 253 -18.55 6.53 -28.86
CA ASN B 253 -19.84 5.94 -29.24
C ASN B 253 -19.97 4.57 -28.63
N PRO B 254 -20.85 4.41 -27.63
CA PRO B 254 -20.96 3.11 -26.95
C PRO B 254 -21.35 1.96 -27.89
N ALA B 255 -22.10 2.27 -28.95
CA ALA B 255 -22.48 1.25 -29.93
C ALA B 255 -21.29 0.64 -30.65
N THR B 256 -20.18 1.36 -30.78
CA THR B 256 -19.00 0.85 -31.48
C THR B 256 -17.89 0.39 -30.52
N ARG B 257 -18.08 0.61 -29.21
CA ARG B 257 -17.11 0.14 -28.22
C ARG B 257 -17.02 -1.39 -28.23
N ILE B 258 -15.78 -1.87 -28.10
CA ILE B 258 -15.55 -3.32 -27.98
C ILE B 258 -16.34 -3.85 -26.80
N THR B 259 -16.93 -5.03 -26.97
CA THR B 259 -17.70 -5.70 -25.93
C THR B 259 -16.81 -6.68 -25.13
N ILE B 260 -17.33 -7.14 -24.00
CA ILE B 260 -16.60 -8.05 -23.12
C ILE B 260 -16.30 -9.39 -23.86
N PRO B 261 -17.29 -9.99 -24.56
CA PRO B 261 -16.95 -11.17 -25.39
C PRO B 261 -15.87 -10.92 -26.43
N GLU B 262 -15.87 -9.75 -27.07
CA GLU B 262 -14.83 -9.40 -28.04
C GLU B 262 -13.49 -9.19 -27.34
N ILE B 263 -13.50 -8.63 -26.13
CA ILE B 263 -12.22 -8.52 -25.35
C ILE B 263 -11.67 -9.91 -25.07
N ARG B 264 -12.56 -10.83 -24.70
CA ARG B 264 -12.19 -12.20 -24.39
C ARG B 264 -11.56 -12.95 -25.57
N ASN B 265 -11.85 -12.50 -26.78
CA ASN B 265 -11.31 -13.07 -28.01
C ASN B 265 -10.17 -12.22 -28.59
N HIS B 266 -9.74 -11.20 -27.87
CA HIS B 266 -8.68 -10.33 -28.35
C HIS B 266 -7.30 -10.96 -28.06
N PRO B 267 -6.36 -10.89 -28.99
CA PRO B 267 -5.06 -11.51 -28.75
C PRO B 267 -4.29 -11.02 -27.52
N TRP B 268 -4.47 -9.75 -27.12
CA TRP B 268 -3.78 -9.24 -25.95
C TRP B 268 -4.33 -9.94 -24.71
N PHE B 269 -5.66 -10.10 -24.65
CA PHE B 269 -6.29 -10.77 -23.54
C PHE B 269 -5.95 -12.26 -23.49
N LEU B 270 -5.89 -12.88 -24.67
CA LEU B 270 -5.68 -14.33 -24.78
C LEU B 270 -4.28 -14.77 -24.44
N LYS B 271 -3.31 -13.89 -24.62
CA LYS B 271 -1.92 -14.22 -24.30
C LYS B 271 -1.75 -14.59 -22.82
N ASN B 272 -1.16 -15.73 -22.56
CA ASN B 272 -0.91 -16.19 -21.20
C ASN B 272 -2.18 -16.36 -20.36
N LEU B 273 -3.35 -16.59 -20.97
CA LEU B 273 -4.59 -16.72 -20.24
C LEU B 273 -4.60 -18.09 -19.57
N PRO B 274 -4.80 -18.12 -18.25
CA PRO B 274 -4.96 -19.45 -17.62
C PRO B 274 -6.25 -20.11 -18.09
N ALA B 275 -6.21 -21.43 -18.30
CA ALA B 275 -7.39 -22.16 -18.76
C ALA B 275 -8.49 -22.05 -17.72
N ASP B 276 -8.11 -21.93 -16.46
CA ASP B 276 -9.05 -21.83 -15.35
C ASP B 276 -9.87 -20.56 -15.41
N LEU B 277 -9.28 -19.47 -15.89
CA LEU B 277 -10.01 -18.21 -16.00
C LEU B 277 -11.02 -18.34 -17.13
N MET B 278 -12.12 -17.58 -17.01
CA MET B 278 -13.22 -17.60 -17.98
C MET B 278 -13.73 -19.03 -18.19
N MET B 294 -21.65 -23.25 2.36
CA MET B 294 -22.43 -22.05 2.59
C MET B 294 -23.57 -22.30 3.58
N GLN B 295 -23.96 -21.27 4.33
CA GLN B 295 -25.07 -21.40 5.29
C GLN B 295 -26.31 -21.70 4.45
N SER B 296 -27.27 -22.46 4.97
CA SER B 296 -28.47 -22.74 4.17
C SER B 296 -29.36 -21.52 4.14
N MET B 297 -30.16 -21.43 3.08
CA MET B 297 -31.20 -20.41 3.02
C MET B 297 -32.11 -20.47 4.25
N ASP B 298 -32.43 -21.68 4.70
CA ASP B 298 -33.31 -21.85 5.87
C ASP B 298 -32.72 -21.16 7.10
N GLU B 299 -31.46 -21.45 7.39
CA GLU B 299 -30.77 -20.82 8.53
C GLU B 299 -30.67 -19.30 8.42
N ILE B 300 -30.32 -18.81 7.23
CA ILE B 300 -30.24 -17.38 7.00
C ILE B 300 -31.56 -16.72 7.30
N MET B 301 -32.63 -17.24 6.68
CA MET B 301 -33.97 -16.67 6.86
C MET B 301 -34.40 -16.68 8.33
N GLN B 302 -34.08 -17.74 9.07
CA GLN B 302 -34.41 -17.77 10.52
C GLN B 302 -33.66 -16.71 11.31
N ILE B 303 -32.37 -16.54 11.03
CA ILE B 303 -31.59 -15.53 11.72
C ILE B 303 -32.16 -14.16 11.40
N LEU B 304 -32.51 -13.94 10.14
CA LEU B 304 -33.07 -12.67 9.74
C LEU B 304 -34.42 -12.39 10.41
N ALA B 305 -35.25 -13.43 10.54
CA ALA B 305 -36.56 -13.25 11.18
C ALA B 305 -36.37 -12.85 12.64
N GLU B 306 -35.47 -13.53 13.32
CA GLU B 306 -35.16 -13.18 14.70
C GLU B 306 -34.56 -11.77 14.85
N ALA B 307 -33.76 -11.33 13.87
CA ALA B 307 -33.07 -10.03 13.92
C ALA B 307 -34.00 -8.84 13.81
N THR B 308 -35.24 -9.08 13.41
CA THR B 308 -36.23 -8.01 13.32
C THR B 308 -36.73 -7.64 14.71
N ILE B 309 -36.51 -8.51 15.68
CA ILE B 309 -36.95 -8.29 17.06
C ILE B 309 -35.82 -7.68 17.91
N PRO B 310 -36.01 -6.43 18.38
CA PRO B 310 -35.06 -5.89 19.37
C PRO B 310 -35.28 -6.54 20.72
#